data_9GQH
#
_entry.id   9GQH
#
_cell.length_a   48.257
_cell.length_b   48.257
_cell.length_c   187.938
_cell.angle_alpha   90
_cell.angle_beta   90
_cell.angle_gamma   120
#
_symmetry.space_group_name_H-M   'P 32 2 1'
#
loop_
_entity.id
_entity.type
_entity.pdbx_description
1 polymer 'Peptidyl-prolyl cis-trans isomerase FKBP5'
2 non-polymer (2~{S},9~{S},12~{R},13~{R},14~{E},18~{R})-2-cyclohexyl-18-(hydroxymethyl)-22,23-dimethoxy-12,13-dimethyl-11,17,20-trioxa-4-azatricyclo[19.3.1.0^{4,9}]pentacosa-1(25),14,21,23-tetraene-3,10-dione
3 water water
#
_entity_poly.entity_id   1
_entity_poly.type   'polypeptide(L)'
_entity_poly.pdbx_seq_one_letter_code
;GAPATVTEQGEDITSKKDRGVLKIVKRVGNGEETPMIGDKVYVHYKGKLSNGKKFDSSHDRNEPFVFSLGKGQVIKAWDI
GVATMKKGEIAHLLIKPEYAYGSAGSLPKIPSNATLFFEIELLDFKGE
;
_entity_poly.pdbx_strand_id   B,A
#
# COMPACT_ATOMS: atom_id res chain seq x y z
N GLY A 10 -7.92 -18.46 -17.04
CA GLY A 10 -6.69 -17.67 -16.78
C GLY A 10 -5.54 -18.51 -16.19
N GLU A 11 -4.31 -18.32 -16.67
CA GLU A 11 -3.12 -19.00 -16.14
C GLU A 11 -2.51 -18.30 -14.89
N ASP A 12 -2.37 -19.13 -13.84
CA ASP A 12 -1.71 -18.78 -12.59
C ASP A 12 -0.19 -18.75 -12.78
N ILE A 13 0.42 -17.58 -12.61
CA ILE A 13 1.86 -17.44 -12.79
C ILE A 13 2.55 -17.11 -11.47
N THR A 14 1.85 -17.25 -10.32
CA THR A 14 2.47 -17.03 -9.01
C THR A 14 3.34 -18.23 -8.64
N SER A 15 4.40 -17.99 -7.87
CA SER A 15 5.25 -19.03 -7.32
C SER A 15 4.61 -19.79 -6.16
N LYS A 16 3.64 -19.19 -5.46
CA LYS A 16 2.96 -19.92 -4.40
C LYS A 16 1.80 -20.73 -4.97
N LYS A 17 1.36 -20.40 -6.19
CA LYS A 17 0.27 -21.07 -6.90
C LYS A 17 -1.03 -20.94 -6.12
N ASP A 18 -1.32 -19.69 -5.77
CA ASP A 18 -2.48 -19.29 -4.97
C ASP A 18 -3.45 -18.50 -5.84
N ARG A 19 -3.21 -18.51 -7.15
CA ARG A 19 -4.10 -17.91 -8.13
C ARG A 19 -4.19 -16.41 -7.93
N GLY A 20 -3.11 -15.79 -7.42
CA GLY A 20 -3.14 -14.38 -7.04
C GLY A 20 -2.99 -13.46 -8.25
N VAL A 21 -2.41 -14.02 -9.34
CA VAL A 21 -2.24 -13.31 -10.60
C VAL A 21 -2.41 -14.29 -11.75
N LEU A 22 -3.38 -13.96 -12.61
CA LEU A 22 -3.81 -14.80 -13.69
C LEU A 22 -3.62 -14.03 -14.99
N LYS A 23 -3.39 -14.79 -16.07
CA LYS A 23 -2.93 -14.19 -17.31
C LYS A 23 -3.44 -14.99 -18.50
N ILE A 24 -3.97 -14.22 -19.46
CA ILE A 24 -4.34 -14.71 -20.77
C ILE A 24 -3.55 -13.90 -21.79
N VAL A 25 -3.04 -14.57 -22.82
CA VAL A 25 -2.36 -13.82 -23.85
C VAL A 25 -3.36 -13.50 -24.94
N LYS A 26 -3.55 -12.23 -25.29
CA LYS A 26 -4.58 -11.83 -26.22
C LYS A 26 -3.96 -11.64 -27.59
N ARG A 27 -2.71 -11.16 -27.64
CA ARG A 27 -1.96 -11.04 -28.89
C ARG A 27 -0.52 -11.46 -28.61
N VAL A 28 -0.06 -12.48 -29.33
CA VAL A 28 1.23 -13.11 -29.14
C VAL A 28 2.34 -12.12 -29.52
N GLY A 29 3.46 -12.14 -28.79
CA GLY A 29 4.58 -11.24 -29.10
C GLY A 29 5.60 -11.89 -30.00
N ASN A 30 6.82 -11.33 -30.08
CA ASN A 30 7.81 -11.81 -31.03
C ASN A 30 9.08 -12.25 -30.32
N GLY A 31 10.13 -12.60 -31.08
CA GLY A 31 11.41 -13.00 -30.51
C GLY A 31 11.27 -14.19 -29.56
N GLU A 32 12.33 -14.42 -28.75
CA GLU A 32 12.33 -15.45 -27.71
C GLU A 32 12.94 -14.94 -26.37
N GLU A 33 13.47 -13.70 -26.33
CA GLU A 33 13.99 -13.16 -25.08
C GLU A 33 12.77 -12.64 -24.30
N THR A 34 12.63 -13.03 -23.03
CA THR A 34 11.72 -12.32 -22.13
C THR A 34 12.57 -11.45 -21.20
N PRO A 35 12.02 -10.33 -20.69
CA PRO A 35 12.83 -9.29 -20.07
C PRO A 35 13.33 -9.67 -18.70
N MET A 36 14.59 -9.34 -18.50
CA MET A 36 15.31 -9.67 -17.28
C MET A 36 15.00 -8.65 -16.20
N ILE A 37 15.25 -9.04 -14.94
CA ILE A 37 15.21 -8.10 -13.84
C ILE A 37 16.10 -6.91 -14.20
N GLY A 38 15.64 -5.68 -13.92
CA GLY A 38 16.45 -4.49 -14.15
C GLY A 38 16.22 -3.87 -15.52
N ASP A 39 15.56 -4.58 -16.43
CA ASP A 39 15.39 -4.05 -17.78
C ASP A 39 14.51 -2.82 -17.66
N LYS A 40 14.83 -1.77 -18.40
CA LYS A 40 13.90 -0.69 -18.56
C LYS A 40 12.85 -1.24 -19.53
N VAL A 41 11.59 -1.32 -19.04
CA VAL A 41 10.49 -1.83 -19.84
C VAL A 41 9.46 -0.74 -20.08
N TYR A 42 8.84 -0.81 -21.27
CA TYR A 42 8.04 0.27 -21.82
C TYR A 42 6.71 -0.31 -22.27
N VAL A 43 5.57 0.17 -21.72
CA VAL A 43 4.30 -0.48 -22.03
C VAL A 43 3.21 0.50 -22.39
N HIS A 44 2.10 -0.01 -22.96
CA HIS A 44 0.80 0.65 -22.89
C HIS A 44 -0.07 -0.20 -21.98
N TYR A 45 -1.07 0.42 -21.35
CA TYR A 45 -2.00 -0.30 -20.49
C TYR A 45 -3.36 0.40 -20.44
N LYS A 46 -4.38 -0.44 -20.25
CA LYS A 46 -5.76 -0.06 -20.01
C LYS A 46 -6.08 -0.88 -18.75
N GLY A 47 -6.55 -0.29 -17.66
CA GLY A 47 -6.58 -0.98 -16.38
C GLY A 47 -7.68 -0.46 -15.47
N LYS A 48 -8.08 -1.26 -14.48
CA LYS A 48 -9.33 -0.99 -13.78
C LYS A 48 -9.46 -1.94 -12.58
N LEU A 49 -10.41 -1.63 -11.70
CA LEU A 49 -10.84 -2.57 -10.67
C LEU A 49 -12.02 -3.30 -11.28
N SER A 50 -12.07 -4.61 -11.06
CA SER A 50 -13.33 -5.32 -11.29
C SER A 50 -14.45 -4.57 -10.54
N LYS A 54 -13.15 2.18 -11.80
CA LYS A 54 -12.24 3.29 -12.14
C LYS A 54 -11.22 2.82 -13.17
N PHE A 55 -11.32 3.27 -14.44
CA PHE A 55 -10.41 2.80 -15.49
C PHE A 55 -9.23 3.77 -15.65
N ASP A 56 -7.96 3.28 -15.73
CA ASP A 56 -6.81 4.17 -15.95
C ASP A 56 -6.00 3.69 -17.17
N SER A 57 -5.59 4.65 -18.02
CA SER A 57 -5.04 4.34 -19.33
C SER A 57 -3.85 5.20 -19.67
N SER A 58 -2.80 4.55 -20.16
CA SER A 58 -1.65 5.25 -20.69
C SER A 58 -2.05 6.06 -21.93
N HIS A 59 -2.98 5.54 -22.74
CA HIS A 59 -3.40 6.25 -23.94
C HIS A 59 -4.09 7.55 -23.57
N ASP A 60 -4.58 7.67 -22.32
CA ASP A 60 -5.09 8.95 -21.81
C ASP A 60 -3.96 9.98 -21.77
N ARG A 61 -2.78 9.63 -21.24
CA ARG A 61 -1.68 10.58 -21.08
C ARG A 61 -1.07 10.93 -22.44
N ASN A 62 -1.20 10.00 -23.39
CA ASN A 62 -0.66 10.15 -24.74
C ASN A 62 0.77 9.61 -24.75
N GLU A 63 1.16 8.85 -23.72
CA GLU A 63 2.58 8.58 -23.53
C GLU A 63 2.80 7.24 -22.83
N PRO A 64 3.66 6.36 -23.39
CA PRO A 64 4.05 5.09 -22.78
C PRO A 64 4.53 5.12 -21.33
N PHE A 65 4.19 4.08 -20.56
CA PHE A 65 4.59 3.93 -19.16
C PHE A 65 5.86 3.10 -19.06
N VAL A 66 6.76 3.50 -18.16
CA VAL A 66 8.13 3.01 -18.16
C VAL A 66 8.57 2.85 -16.71
N PHE A 67 9.28 1.76 -16.45
CA PHE A 67 9.82 1.51 -15.13
C PHE A 67 10.91 0.46 -15.27
N SER A 68 11.59 0.19 -14.17
CA SER A 68 12.66 -0.79 -14.10
C SER A 68 12.06 -2.00 -13.40
N LEU A 69 12.02 -3.09 -14.17
CA LEU A 69 11.34 -4.33 -13.79
C LEU A 69 12.03 -4.98 -12.62
N GLY A 70 11.23 -5.34 -11.63
CA GLY A 70 11.65 -6.16 -10.49
C GLY A 70 12.21 -5.32 -9.36
N LYS A 71 12.08 -3.99 -9.42
CA LYS A 71 12.58 -3.14 -8.36
C LYS A 71 11.40 -2.69 -7.48
N GLY A 72 10.27 -3.39 -7.60
CA GLY A 72 9.11 -3.08 -6.76
C GLY A 72 8.65 -1.62 -6.85
N GLN A 73 8.86 -1.02 -8.01
CA GLN A 73 8.40 0.29 -8.38
C GLN A 73 6.98 0.21 -8.94
N VAL A 74 6.41 -1.01 -9.08
CA VAL A 74 5.00 -1.19 -9.35
C VAL A 74 4.48 -2.27 -8.39
N ILE A 75 3.18 -2.46 -8.40
CA ILE A 75 2.65 -3.52 -7.57
C ILE A 75 3.29 -4.87 -7.92
N LYS A 76 3.24 -5.79 -6.95
CA LYS A 76 4.03 -7.00 -6.97
C LYS A 76 3.59 -7.80 -8.18
N ALA A 77 2.37 -7.64 -8.63
CA ALA A 77 1.91 -8.43 -9.74
C ALA A 77 2.56 -7.98 -11.02
N TRP A 78 2.80 -6.66 -11.19
CA TRP A 78 3.24 -6.21 -12.50
C TRP A 78 4.63 -6.72 -12.76
N ASP A 79 5.47 -6.75 -11.71
CA ASP A 79 6.84 -7.20 -11.86
C ASP A 79 6.84 -8.68 -12.22
N ILE A 80 5.79 -9.40 -11.84
CA ILE A 80 5.73 -10.82 -12.11
C ILE A 80 5.28 -11.08 -13.54
N GLY A 81 4.22 -10.38 -13.92
CA GLY A 81 3.56 -10.59 -15.20
C GLY A 81 4.37 -10.01 -16.34
N VAL A 82 4.86 -8.77 -16.15
CA VAL A 82 5.54 -8.12 -17.24
C VAL A 82 6.86 -8.86 -17.50
N ALA A 83 7.38 -9.52 -16.45
CA ALA A 83 8.49 -10.45 -16.63
C ALA A 83 8.15 -11.63 -17.57
N THR A 84 6.86 -12.03 -17.71
CA THR A 84 6.55 -13.19 -18.54
C THR A 84 6.10 -12.74 -19.93
N MET A 85 6.23 -11.44 -20.24
CA MET A 85 5.85 -10.97 -21.56
C MET A 85 7.07 -10.95 -22.50
N LYS A 86 6.72 -10.80 -23.79
CA LYS A 86 7.68 -10.67 -24.87
C LYS A 86 7.28 -9.46 -25.72
N LYS A 87 8.30 -8.83 -26.33
CA LYS A 87 8.13 -7.71 -27.24
C LYS A 87 6.89 -7.91 -28.11
N GLY A 88 5.93 -6.97 -28.01
CA GLY A 88 4.80 -6.90 -28.93
C GLY A 88 3.57 -7.62 -28.40
N GLU A 89 3.76 -8.43 -27.36
CA GLU A 89 2.69 -9.12 -26.65
C GLU A 89 1.71 -8.17 -25.95
N ILE A 90 0.44 -8.53 -26.06
CA ILE A 90 -0.62 -7.94 -25.28
C ILE A 90 -1.18 -9.04 -24.40
N ALA A 91 -1.40 -8.73 -23.13
CA ALA A 91 -1.82 -9.72 -22.16
C ALA A 91 -2.92 -9.13 -21.30
N HIS A 92 -3.66 -10.02 -20.65
CA HIS A 92 -4.74 -9.69 -19.77
C HIS A 92 -4.36 -10.27 -18.40
N LEU A 93 -4.40 -9.40 -17.37
CA LEU A 93 -4.00 -9.79 -16.02
C LEU A 93 -5.10 -9.58 -15.00
N LEU A 94 -5.25 -10.57 -14.10
CA LEU A 94 -6.30 -10.52 -13.08
C LEU A 94 -5.67 -10.84 -11.72
N ILE A 95 -5.89 -9.89 -10.81
CA ILE A 95 -4.99 -9.73 -9.68
C ILE A 95 -5.74 -9.66 -8.35
N LYS A 96 -5.59 -10.70 -7.51
CA LYS A 96 -5.99 -10.65 -6.11
C LYS A 96 -5.13 -9.66 -5.29
N PRO A 97 -5.77 -9.01 -4.29
CA PRO A 97 -5.22 -7.84 -3.61
C PRO A 97 -3.86 -8.05 -2.99
N GLU A 98 -3.45 -9.29 -2.67
CA GLU A 98 -2.14 -9.61 -2.10
C GLU A 98 -0.96 -9.39 -3.07
N TYR A 99 -1.22 -9.17 -4.36
CA TYR A 99 -0.19 -8.93 -5.34
C TYR A 99 -0.46 -7.58 -5.95
N ALA A 100 -1.40 -6.84 -5.33
CA ALA A 100 -1.79 -5.49 -5.71
C ALA A 100 -1.66 -4.56 -4.51
N TYR A 101 -2.74 -4.02 -3.90
CA TYR A 101 -2.67 -3.02 -2.83
C TYR A 101 -3.18 -3.53 -1.49
N GLY A 102 -3.47 -4.82 -1.38
CA GLY A 102 -3.54 -5.48 -0.09
C GLY A 102 -4.85 -5.19 0.64
N SER A 103 -4.86 -5.58 1.93
CA SER A 103 -5.95 -5.26 2.84
C SER A 103 -5.83 -3.85 3.40
N ALA A 104 -4.64 -3.23 3.39
CA ALA A 104 -4.45 -1.79 3.62
C ALA A 104 -5.13 -0.99 2.51
N GLY A 105 -5.17 -1.61 1.32
CA GLY A 105 -5.63 -0.91 0.12
C GLY A 105 -4.62 0.15 -0.31
N SER A 106 -5.11 1.12 -1.07
CA SER A 106 -4.39 2.35 -1.34
C SER A 106 -5.39 3.49 -1.65
N LEU A 107 -6.17 3.89 -0.62
CA LEU A 107 -7.16 4.94 -0.80
C LEU A 107 -6.46 6.24 -1.18
N PRO A 108 -7.08 7.14 -1.98
CA PRO A 108 -8.47 7.02 -2.39
C PRO A 108 -8.67 6.16 -3.64
N LYS A 109 -7.61 5.89 -4.41
CA LYS A 109 -7.81 5.22 -5.68
C LYS A 109 -8.26 3.77 -5.49
N ILE A 110 -7.77 3.05 -4.47
CA ILE A 110 -7.95 1.62 -4.37
C ILE A 110 -8.49 1.29 -2.98
N PRO A 111 -9.60 0.52 -2.82
CA PRO A 111 -9.98 0.05 -1.53
C PRO A 111 -9.26 -1.20 -1.07
N SER A 112 -9.62 -1.52 0.17
CA SER A 112 -9.24 -2.70 0.90
C SER A 112 -9.61 -3.91 0.07
N ASN A 113 -8.72 -4.87 -0.01
CA ASN A 113 -8.98 -6.17 -0.65
C ASN A 113 -9.64 -6.03 -2.04
N ALA A 114 -9.12 -5.10 -2.86
CA ALA A 114 -9.61 -4.86 -4.22
C ALA A 114 -8.92 -5.79 -5.19
N THR A 115 -9.70 -6.48 -6.05
CA THR A 115 -9.18 -7.22 -7.20
C THR A 115 -9.01 -6.28 -8.40
N LEU A 116 -7.91 -6.44 -9.17
CA LEU A 116 -7.58 -5.57 -10.30
C LEU A 116 -7.42 -6.34 -11.62
N PHE A 117 -7.84 -5.64 -12.69
CA PHE A 117 -7.58 -6.09 -14.04
C PHE A 117 -6.76 -5.07 -14.84
N PHE A 118 -5.83 -5.58 -15.64
CA PHE A 118 -5.27 -4.77 -16.73
C PHE A 118 -5.23 -5.50 -18.07
N GLU A 119 -5.41 -4.76 -19.16
CA GLU A 119 -4.80 -5.07 -20.46
C GLU A 119 -3.43 -4.36 -20.56
N ILE A 120 -2.37 -5.16 -20.74
CA ILE A 120 -1.04 -4.64 -20.93
C ILE A 120 -0.50 -4.98 -22.32
N GLU A 121 0.08 -4.00 -23.01
CA GLU A 121 0.93 -4.23 -24.19
C GLU A 121 2.39 -3.93 -23.87
N LEU A 122 3.29 -4.92 -23.99
CA LEU A 122 4.71 -4.63 -23.83
C LEU A 122 5.28 -4.18 -25.18
N LEU A 123 5.70 -2.91 -25.24
CA LEU A 123 6.09 -2.27 -26.48
C LEU A 123 7.52 -2.68 -26.83
N ASP A 124 8.41 -2.49 -25.85
CA ASP A 124 9.82 -2.80 -26.05
C ASP A 124 10.44 -2.96 -24.66
N PHE A 125 11.67 -3.45 -24.59
CA PHE A 125 12.41 -3.51 -23.33
C PHE A 125 13.87 -3.43 -23.77
N LYS A 126 14.69 -2.67 -23.01
CA LYS A 126 16.09 -2.40 -23.32
C LYS A 126 16.89 -2.89 -22.10
N GLY A 127 18.11 -2.40 -21.83
CA GLY A 127 18.99 -3.06 -20.87
C GLY A 127 19.45 -2.12 -19.74
N GLU A 128 19.47 -2.62 -18.49
CA GLU A 128 19.84 -1.82 -17.31
C GLU A 128 21.06 -2.41 -16.58
N GLY B 1 -12.29 10.59 27.19
CA GLY B 1 -11.06 9.78 27.28
C GLY B 1 -10.12 10.04 26.11
N ALA B 2 -9.54 8.96 25.59
CA ALA B 2 -8.38 9.22 24.78
C ALA B 2 -8.81 9.90 23.49
N PRO B 3 -9.78 9.35 22.71
CA PRO B 3 -10.14 9.93 21.41
C PRO B 3 -10.60 11.37 21.55
N ALA B 4 -11.56 11.61 22.44
CA ALA B 4 -12.04 12.95 22.72
C ALA B 4 -10.91 13.94 22.94
N THR B 5 -9.96 13.64 23.84
CA THR B 5 -8.77 14.47 24.05
C THR B 5 -8.04 14.74 22.73
N VAL B 6 -8.03 13.77 21.80
CA VAL B 6 -7.38 13.98 20.52
C VAL B 6 -8.17 14.93 19.61
N THR B 7 -9.50 14.77 19.62
CA THR B 7 -10.42 15.64 18.91
C THR B 7 -10.15 17.05 19.41
N GLU B 8 -10.01 17.23 20.72
CA GLU B 8 -10.02 18.54 21.35
C GLU B 8 -8.64 19.21 21.20
N GLN B 9 -7.49 18.55 21.41
CA GLN B 9 -6.17 19.21 21.44
C GLN B 9 -5.27 18.69 20.30
N GLY B 10 -5.73 17.63 19.66
CA GLY B 10 -4.87 17.00 18.69
C GLY B 10 -4.46 17.91 17.56
N GLU B 11 -3.24 17.64 17.12
CA GLU B 11 -2.56 18.30 16.01
C GLU B 11 -2.87 17.61 14.67
N ASP B 12 -3.35 18.44 13.72
CA ASP B 12 -3.64 17.97 12.36
C ASP B 12 -2.34 17.89 11.56
N ILE B 13 -1.97 16.66 11.17
CA ILE B 13 -0.72 16.46 10.47
C ILE B 13 -0.95 16.01 9.03
N THR B 14 -2.16 16.21 8.50
CA THR B 14 -2.38 15.96 7.07
C THR B 14 -1.83 17.12 6.22
N SER B 15 -1.38 16.82 4.99
CA SER B 15 -1.06 17.90 4.05
C SER B 15 -2.26 18.84 3.85
N LYS B 16 -3.43 18.29 3.57
CA LYS B 16 -4.56 19.08 3.15
C LYS B 16 -5.19 19.83 4.31
N LYS B 17 -4.75 19.59 5.54
CA LYS B 17 -5.33 20.21 6.74
C LYS B 17 -6.83 19.91 6.84
N ASP B 18 -7.23 18.65 6.68
CA ASP B 18 -8.64 18.32 6.70
C ASP B 18 -9.00 17.56 7.97
N ARG B 19 -8.06 17.54 8.92
CA ARG B 19 -8.27 16.91 10.21
C ARG B 19 -8.50 15.40 10.04
N GLY B 20 -7.91 14.77 9.03
CA GLY B 20 -8.14 13.36 8.78
C GLY B 20 -7.19 12.50 9.63
N VAL B 21 -6.17 13.12 10.19
CA VAL B 21 -5.23 12.44 11.06
C VAL B 21 -4.78 13.44 12.12
N LEU B 22 -5.17 13.13 13.34
CA LEU B 22 -4.96 13.99 14.48
C LEU B 22 -4.01 13.29 15.44
N LYS B 23 -3.13 14.04 16.09
CA LYS B 23 -2.06 13.42 16.86
C LYS B 23 -1.70 14.25 18.11
N ILE B 24 -1.55 13.50 19.22
CA ILE B 24 -1.01 13.99 20.45
C ILE B 24 0.15 13.10 20.79
N VAL B 25 1.24 13.69 21.27
CA VAL B 25 2.31 12.91 21.84
C VAL B 25 2.04 12.70 23.33
N LYS B 26 2.11 11.45 23.80
CA LYS B 26 1.85 11.14 25.17
C LYS B 26 3.18 11.00 25.91
N ARG B 27 4.19 10.47 25.21
CA ARG B 27 5.49 10.23 25.82
C ARG B 27 6.55 10.56 24.78
N VAL B 28 7.44 11.49 25.13
CA VAL B 28 8.48 11.97 24.23
C VAL B 28 9.53 10.90 24.01
N GLY B 29 10.02 10.74 22.77
CA GLY B 29 11.08 9.80 22.46
C GLY B 29 12.49 10.39 22.63
N ASN B 30 13.51 9.81 21.99
CA ASN B 30 14.88 10.16 22.33
C ASN B 30 15.59 10.61 21.07
N GLY B 31 16.38 11.68 21.20
CA GLY B 31 17.10 12.20 20.05
C GLY B 31 16.16 12.49 18.89
N GLU B 32 16.63 13.26 17.90
CA GLU B 32 15.73 13.95 16.98
C GLU B 32 15.41 13.21 15.67
N GLU B 33 16.09 12.14 15.23
CA GLU B 33 15.86 11.56 13.88
C GLU B 33 14.48 10.93 13.83
N THR B 34 13.59 11.31 12.89
CA THR B 34 12.44 10.46 12.59
C THR B 34 12.68 9.72 11.27
N PRO B 35 12.00 8.57 11.03
CA PRO B 35 12.23 7.70 9.88
C PRO B 35 11.73 8.17 8.53
N MET B 36 12.50 7.81 7.49
CA MET B 36 12.24 8.16 6.10
C MET B 36 11.42 7.07 5.43
N ILE B 37 10.81 7.41 4.28
CA ILE B 37 10.17 6.43 3.41
C ILE B 37 11.15 5.28 3.19
N GLY B 38 10.67 4.02 3.27
CA GLY B 38 11.45 2.81 3.02
C GLY B 38 12.26 2.32 4.24
N ASP B 39 12.21 3.06 5.34
CA ASP B 39 12.86 2.59 6.55
C ASP B 39 12.03 1.41 7.02
N LYS B 40 12.75 0.44 7.61
CA LYS B 40 12.07 -0.65 8.29
C LYS B 40 11.77 -0.16 9.71
N VAL B 41 10.47 -0.01 10.03
CA VAL B 41 10.04 0.38 11.37
C VAL B 41 9.39 -0.76 12.16
N TYR B 42 9.66 -0.69 13.47
CA TYR B 42 9.20 -1.61 14.49
C TYR B 42 8.31 -0.88 15.48
N VAL B 43 7.06 -1.27 15.65
CA VAL B 43 6.25 -0.61 16.66
C VAL B 43 5.57 -1.55 17.62
N HIS B 44 5.09 -1.00 18.74
CA HIS B 44 4.03 -1.63 19.51
C HIS B 44 2.83 -0.74 19.39
N TYR B 45 1.63 -1.34 19.26
CA TYR B 45 0.43 -0.55 19.08
C TYR B 45 -0.73 -1.26 19.75
N LYS B 46 -1.77 -0.45 20.04
CA LYS B 46 -3.13 -0.90 20.10
C LYS B 46 -3.95 0.08 19.28
N GLY B 47 -5.07 -0.45 18.80
CA GLY B 47 -6.01 0.26 17.94
C GLY B 47 -7.42 -0.23 18.19
N LYS B 48 -8.38 0.58 17.79
CA LYS B 48 -9.79 0.32 18.04
C LYS B 48 -10.62 1.24 17.16
N LEU B 49 -11.91 0.97 17.12
CA LEU B 49 -12.91 1.84 16.49
C LEU B 49 -13.30 2.84 17.56
N SER B 50 -13.42 4.11 17.18
CA SER B 50 -13.79 5.14 18.17
C SER B 50 -15.10 4.77 18.87
N ASN B 51 -15.85 3.84 18.25
CA ASN B 51 -17.13 3.35 18.73
C ASN B 51 -16.83 2.23 19.72
N GLY B 52 -15.57 1.79 19.76
CA GLY B 52 -15.10 0.69 20.58
C GLY B 52 -15.50 -0.74 20.14
N LYS B 53 -16.08 -1.05 18.99
CA LYS B 53 -16.57 -2.44 18.91
C LYS B 53 -15.46 -3.46 18.53
N LYS B 54 -14.33 -3.12 17.89
CA LYS B 54 -13.29 -4.13 17.64
C LYS B 54 -11.95 -3.52 18.07
N PHE B 55 -11.08 -4.31 18.67
CA PHE B 55 -9.79 -3.85 19.20
C PHE B 55 -8.67 -4.70 18.65
N ASP B 56 -7.43 -4.24 18.73
CA ASP B 56 -6.32 -5.07 18.30
C ASP B 56 -5.05 -4.55 18.97
N SER B 57 -4.09 -5.46 19.22
CA SER B 57 -2.85 -5.14 19.88
C SER B 57 -1.73 -6.06 19.45
N SER B 58 -0.58 -5.46 19.15
CA SER B 58 0.67 -6.17 19.00
C SER B 58 1.00 -6.90 20.29
N HIS B 59 0.73 -6.27 21.45
CA HIS B 59 1.04 -6.86 22.74
C HIS B 59 0.26 -8.15 22.95
N ASP B 60 -0.85 -8.38 22.21
CA ASP B 60 -1.52 -9.69 22.22
C ASP B 60 -0.57 -10.76 21.64
N ARG B 61 0.05 -10.52 20.48
CA ARG B 61 0.95 -11.48 19.85
C ARG B 61 2.39 -11.45 20.42
N ASN B 62 2.60 -10.87 21.62
CA ASN B 62 3.89 -10.66 22.29
C ASN B 62 5.02 -10.27 21.33
N GLU B 63 4.65 -9.43 20.38
CA GLU B 63 5.48 -9.34 19.20
C GLU B 63 5.33 -8.01 18.51
N PRO B 64 6.44 -7.36 18.20
CA PRO B 64 6.39 -6.09 17.45
C PRO B 64 5.77 -6.19 16.04
N PHE B 65 5.16 -5.09 15.60
CA PHE B 65 4.67 -4.97 14.23
C PHE B 65 5.69 -4.24 13.36
N VAL B 66 5.87 -4.71 12.12
CA VAL B 66 7.04 -4.40 11.35
C VAL B 66 6.63 -4.26 9.91
N PHE B 67 6.91 -3.09 9.36
CA PHE B 67 6.49 -2.75 8.03
C PHE B 67 7.46 -1.69 7.50
N SER B 68 7.35 -1.48 6.18
CA SER B 68 8.17 -0.51 5.49
C SER B 68 7.34 0.74 5.29
N LEU B 69 7.93 1.80 5.85
CA LEU B 69 7.26 3.11 5.93
C LEU B 69 7.13 3.68 4.54
N GLY B 70 5.93 4.19 4.25
CA GLY B 70 5.59 4.85 2.99
C GLY B 70 5.34 3.91 1.80
N LYS B 71 5.05 2.63 1.99
CA LYS B 71 4.80 1.79 0.84
C LYS B 71 3.31 1.49 0.77
N GLY B 72 2.46 2.18 1.52
CA GLY B 72 1.07 1.79 1.73
C GLY B 72 0.85 0.29 2.02
N GLN B 73 1.82 -0.31 2.74
CA GLN B 73 1.67 -1.58 3.41
C GLN B 73 0.81 -1.49 4.66
N VAL B 74 0.59 -0.26 5.16
CA VAL B 74 -0.44 0.07 6.13
C VAL B 74 -1.37 1.13 5.57
N ILE B 75 -2.44 1.39 6.27
CA ILE B 75 -3.28 2.51 5.90
C ILE B 75 -2.47 3.79 5.84
N LYS B 76 -2.95 4.75 5.09
CA LYS B 76 -2.20 5.95 4.75
C LYS B 76 -1.88 6.68 6.06
N ALA B 77 -2.76 6.52 7.05
CA ALA B 77 -2.61 7.41 8.18
C ALA B 77 -1.40 6.97 8.96
N TRP B 78 -1.03 5.68 8.81
CA TRP B 78 0.09 5.24 9.61
C TRP B 78 1.35 5.76 8.95
N ASP B 79 1.34 5.83 7.63
CA ASP B 79 2.51 6.25 6.83
C ASP B 79 2.77 7.72 7.13
N ILE B 80 1.69 8.45 7.35
CA ILE B 80 1.78 9.86 7.68
C ILE B 80 2.18 10.02 9.13
N GLY B 81 1.58 9.21 10.00
CA GLY B 81 1.73 9.39 11.43
C GLY B 81 3.11 8.98 11.90
N VAL B 82 3.42 7.74 11.57
CA VAL B 82 4.64 7.18 12.11
C VAL B 82 5.85 7.94 11.60
N ALA B 83 5.75 8.51 10.39
CA ALA B 83 6.85 9.31 9.87
C ALA B 83 7.16 10.54 10.75
N THR B 84 6.20 11.01 11.57
CA THR B 84 6.41 12.20 12.39
C THR B 84 6.91 11.83 13.78
N MET B 85 7.21 10.54 14.07
CA MET B 85 7.57 10.12 15.41
C MET B 85 9.07 9.88 15.55
N LYS B 86 9.56 9.87 16.80
CA LYS B 86 10.94 9.61 17.15
C LYS B 86 11.05 8.29 17.90
N LYS B 87 12.20 7.61 17.78
CA LYS B 87 12.43 6.41 18.58
C LYS B 87 12.10 6.67 20.05
N GLY B 88 11.27 5.79 20.60
CA GLY B 88 10.89 5.86 21.99
C GLY B 88 9.55 6.57 22.19
N GLU B 89 9.10 7.27 21.16
CA GLU B 89 7.89 8.08 21.27
C GLU B 89 6.63 7.21 21.31
N ILE B 90 5.70 7.63 22.17
CA ILE B 90 4.34 7.11 22.11
C ILE B 90 3.45 8.25 21.70
N ALA B 91 2.53 7.93 20.80
CA ALA B 91 1.61 8.92 20.28
C ALA B 91 0.21 8.33 20.23
N HIS B 92 -0.78 9.24 20.15
CA HIS B 92 -2.16 8.91 19.95
C HIS B 92 -2.62 9.56 18.66
N LEU B 93 -3.32 8.78 17.83
CA LEU B 93 -3.81 9.19 16.53
C LEU B 93 -5.32 8.98 16.46
N LEU B 94 -6.00 9.92 15.77
CA LEU B 94 -7.42 9.79 15.45
C LEU B 94 -7.64 10.12 13.98
N ILE B 95 -8.29 9.17 13.31
CA ILE B 95 -8.17 9.01 11.86
C ILE B 95 -9.55 8.93 11.26
N LYS B 96 -9.90 9.88 10.38
CA LYS B 96 -11.12 9.77 9.60
C LYS B 96 -10.99 8.69 8.55
N PRO B 97 -12.15 8.16 8.11
CA PRO B 97 -12.23 6.99 7.22
C PRO B 97 -11.45 7.09 5.95
N GLU B 98 -11.23 8.32 5.46
CA GLU B 98 -10.50 8.55 4.22
C GLU B 98 -9.00 8.33 4.36
N TYR B 99 -8.44 8.27 5.56
CA TYR B 99 -7.04 7.91 5.72
C TYR B 99 -6.97 6.51 6.33
N ALA B 100 -8.04 5.77 6.16
CA ALA B 100 -8.22 4.50 6.82
C ALA B 100 -8.87 3.55 5.81
N TYR B 101 -10.08 3.02 6.04
CA TYR B 101 -10.68 1.98 5.20
C TYR B 101 -11.86 2.47 4.34
N GLY B 102 -12.07 3.77 4.32
CA GLY B 102 -12.89 4.42 3.32
C GLY B 102 -14.32 3.95 3.52
N SER B 103 -15.16 4.19 2.51
CA SER B 103 -16.52 3.69 2.59
C SER B 103 -16.63 2.17 2.34
N ALA B 104 -15.64 1.53 1.72
CA ALA B 104 -15.75 0.08 1.49
C ALA B 104 -15.53 -0.70 2.80
N GLY B 105 -14.79 -0.07 3.73
CA GLY B 105 -14.47 -0.72 4.99
C GLY B 105 -13.72 -2.02 4.80
N SER B 106 -13.94 -3.02 5.67
CA SER B 106 -13.19 -4.27 5.63
C SER B 106 -13.73 -5.21 6.69
N LEU B 107 -14.92 -5.81 6.40
CA LEU B 107 -15.58 -6.79 7.27
C LEU B 107 -14.64 -7.96 7.52
N PRO B 108 -14.56 -8.58 8.74
CA PRO B 108 -15.38 -8.21 9.89
C PRO B 108 -14.78 -7.07 10.75
N LYS B 109 -13.51 -6.75 10.56
CA LYS B 109 -12.78 -5.95 11.54
C LYS B 109 -13.26 -4.50 11.44
N ILE B 110 -13.49 -3.99 10.23
CA ILE B 110 -13.78 -2.58 10.00
C ILE B 110 -15.11 -2.40 9.31
N PRO B 111 -16.03 -1.62 9.87
CA PRO B 111 -17.24 -1.27 9.14
C PRO B 111 -17.02 -0.08 8.20
N SER B 112 -18.11 0.31 7.55
CA SER B 112 -18.11 1.33 6.50
C SER B 112 -17.80 2.67 7.13
N ASN B 113 -16.88 3.44 6.57
CA ASN B 113 -16.70 4.82 7.04
C ASN B 113 -16.29 4.92 8.54
N ALA B 114 -15.56 3.92 9.05
CA ALA B 114 -15.12 3.89 10.43
C ALA B 114 -13.99 4.89 10.67
N THR B 115 -14.10 5.65 11.76
CA THR B 115 -13.01 6.43 12.33
C THR B 115 -12.20 5.52 13.26
N LEU B 116 -10.88 5.63 13.31
CA LEU B 116 -10.04 4.70 14.06
C LEU B 116 -9.20 5.46 15.11
N PHE B 117 -8.83 4.73 16.15
CA PHE B 117 -7.94 5.31 17.12
C PHE B 117 -6.80 4.34 17.42
N PHE B 118 -5.58 4.89 17.51
CA PHE B 118 -4.39 4.09 17.73
C PHE B 118 -3.53 4.78 18.78
N GLU B 119 -3.02 3.97 19.69
CA GLU B 119 -1.84 4.33 20.48
C GLU B 119 -0.67 3.57 19.88
N ILE B 120 0.36 4.34 19.46
CA ILE B 120 1.51 3.71 18.82
C ILE B 120 2.77 4.15 19.52
N GLU B 121 3.61 3.13 19.76
CA GLU B 121 4.95 3.31 20.26
C GLU B 121 5.99 2.93 19.19
N LEU B 122 6.89 3.85 18.87
CA LEU B 122 7.97 3.58 17.92
C LEU B 122 9.17 3.01 18.63
N LEU B 123 9.45 1.73 18.38
CA LEU B 123 10.50 1.04 19.11
C LEU B 123 11.84 1.28 18.46
N ASP B 124 11.91 1.10 17.14
CA ASP B 124 13.17 1.31 16.42
C ASP B 124 12.84 1.55 14.96
N PHE B 125 13.84 1.86 14.13
CA PHE B 125 13.62 2.00 12.69
C PHE B 125 15.00 1.82 12.06
N LYS B 126 15.08 1.14 10.90
CA LYS B 126 16.36 0.69 10.32
C LYS B 126 16.37 1.05 8.83
N GLY B 127 17.54 1.30 8.24
CA GLY B 127 17.68 1.52 6.80
C GLY B 127 17.25 0.29 6.00
N GLU B 128 16.43 0.52 4.95
CA GLU B 128 16.10 -0.47 3.92
C GLU B 128 17.40 -1.11 3.38
#